data_5Z94
#
_entry.id   5Z94
#
_cell.length_a   75.472
_cell.length_b   76.260
_cell.length_c   75.425
_cell.angle_alpha   90.00
_cell.angle_beta   115.77
_cell.angle_gamma   90.00
#
_symmetry.space_group_name_H-M   'P 1 21 1'
#
loop_
_entity.id
_entity.type
_entity.pdbx_description
1 polymer 'NAD-dependent protein deacetylase sirtuin-3, mitochondrial'
2 polymer 'Gene for histone H3 (germline gene)'
3 non-polymer 'ZINC ION'
4 non-polymer GLYCEROL
5 non-polymer 'SULFATE ION'
6 non-polymer 'CITRIC ACID'
7 water water
#
loop_
_entity_poly.entity_id
_entity_poly.type
_entity_poly.pdbx_seq_one_letter_code
_entity_poly.pdbx_strand_id
1 'polypeptide(L)'
;SSDKGKLSLQDVAELIRARACQRVVVMVGAGISTPSGIPDFRSPGSGLYSNLQQYDLPYPEAIFELPFFFHNPKPFFTLA
KELYPGNYKPNVTHYFLRLLHDKGLLLRLYTQNIDGLERVSGIPASKLVEAHGTFASATCTVCQRPFPGEDIRADVMADR
VPRCPVCTGVVKPDIVFFGEPLPQRFLLHVVDFPMADLLLILGTSLEVEPFASLTEAVRSSVPRLLINRDLVGPLAWHPR
SRDVAQLGDVVHGVESLVELLGWTEEMRDLVQRETGKLDGPDK
;
A,B
2 'polypeptide(L)' ART(KHB)QTARKSTGGKA C,D
#
# COMPACT_ATOMS: atom_id res chain seq x y z
N LYS A 6 -30.47 15.99 -19.81
CA LYS A 6 -31.65 16.32 -19.00
C LYS A 6 -31.38 17.47 -18.04
N LEU A 7 -30.38 17.31 -17.16
CA LEU A 7 -30.07 18.32 -16.16
C LEU A 7 -29.12 19.37 -16.71
N SER A 8 -29.32 20.61 -16.29
CA SER A 8 -28.47 21.73 -16.64
C SER A 8 -27.64 22.17 -15.45
N LEU A 9 -26.65 23.02 -15.72
CA LEU A 9 -25.92 23.67 -14.63
C LEU A 9 -26.88 24.42 -13.72
N GLN A 10 -27.87 25.11 -14.30
CA GLN A 10 -28.83 25.82 -13.46
C GLN A 10 -29.65 24.85 -12.61
N ASP A 11 -30.01 23.69 -13.16
CA ASP A 11 -30.69 22.68 -12.37
C ASP A 11 -29.89 22.31 -11.12
N VAL A 12 -28.58 22.08 -11.29
CA VAL A 12 -27.74 21.71 -10.16
C VAL A 12 -27.68 22.84 -9.15
N ALA A 13 -27.54 24.07 -9.62
CA ALA A 13 -27.55 25.21 -8.70
C ALA A 13 -28.85 25.28 -7.90
N GLU A 14 -29.99 25.01 -8.54
CA GLU A 14 -31.26 25.08 -7.81
C GLU A 14 -31.38 23.95 -6.79
N LEU A 15 -30.81 22.78 -7.07
CA LEU A 15 -30.78 21.73 -6.05
C LEU A 15 -30.07 22.19 -4.80
N ILE A 16 -28.95 22.91 -4.96
CA ILE A 16 -28.22 23.42 -3.80
C ILE A 16 -29.02 24.54 -3.12
N ARG A 17 -29.54 25.47 -3.91
CA ARG A 17 -30.26 26.61 -3.35
C ARG A 17 -31.51 26.17 -2.60
N ALA A 18 -32.19 25.13 -3.08
CA ALA A 18 -33.38 24.61 -2.40
C ALA A 18 -33.04 23.65 -1.26
N ARG A 19 -31.75 23.47 -0.95
CA ARG A 19 -31.26 22.51 0.06
C ARG A 19 -31.73 21.09 -0.26
N ALA A 20 -31.86 20.75 -1.54
CA ALA A 20 -32.10 19.37 -1.92
C ALA A 20 -30.82 18.56 -1.95
N CYS A 21 -29.67 19.21 -2.09
CA CYS A 21 -28.35 18.58 -1.95
C CYS A 21 -27.66 19.21 -0.74
N GLN A 22 -27.22 18.37 0.19
CA GLN A 22 -26.58 18.82 1.42
C GLN A 22 -25.15 18.34 1.59
N ARG A 23 -24.73 17.32 0.86
CA ARG A 23 -23.47 16.62 1.14
C ARG A 23 -22.73 16.46 -0.19
N VAL A 24 -21.87 17.43 -0.49
CA VAL A 24 -21.17 17.48 -1.77
C VAL A 24 -19.81 16.85 -1.58
N VAL A 25 -19.49 15.88 -2.45
CA VAL A 25 -18.12 15.36 -2.55
C VAL A 25 -17.49 15.93 -3.81
N VAL A 26 -16.24 16.36 -3.71
CA VAL A 26 -15.55 17.02 -4.82
C VAL A 26 -14.29 16.23 -5.15
N MET A 27 -14.01 16.09 -6.45
CA MET A 27 -12.76 15.52 -6.95
C MET A 27 -12.08 16.56 -7.83
N VAL A 28 -10.78 16.81 -7.58
CA VAL A 28 -10.07 17.80 -8.37
C VAL A 28 -8.71 17.28 -8.82
N GLY A 29 -8.19 17.90 -9.87
CA GLY A 29 -6.88 17.54 -10.41
C GLY A 29 -6.07 18.74 -10.89
N ALA A 30 -5.05 18.47 -11.73
CA ALA A 30 -4.07 19.50 -12.08
C ALA A 30 -4.71 20.71 -12.75
N GLY A 31 -5.85 20.51 -13.41
CA GLY A 31 -6.52 21.60 -14.10
C GLY A 31 -6.96 22.74 -13.20
N ILE A 32 -7.20 22.48 -11.91
CA ILE A 32 -7.64 23.59 -11.08
C ILE A 32 -6.50 24.48 -10.64
N SER A 33 -5.24 24.07 -10.84
CA SER A 33 -4.11 24.84 -10.36
C SER A 33 -3.31 25.52 -11.44
N THR A 34 -3.56 25.19 -12.70
CA THR A 34 -2.88 25.91 -13.78
C THR A 34 -3.13 27.43 -13.74
N PRO A 35 -4.31 27.95 -13.34
CA PRO A 35 -4.43 29.41 -13.23
C PRO A 35 -3.53 30.02 -12.16
N SER A 36 -3.10 29.26 -11.15
CA SER A 36 -2.17 29.82 -10.18
C SER A 36 -0.76 30.00 -10.76
N GLY A 37 -0.53 29.55 -11.99
CA GLY A 37 0.76 29.67 -12.60
C GLY A 37 1.63 28.45 -12.44
N ILE A 38 1.10 27.37 -11.87
CA ILE A 38 1.84 26.13 -11.75
C ILE A 38 1.93 25.53 -13.14
N PRO A 39 3.12 25.50 -13.74
CA PRO A 39 3.25 24.98 -15.11
C PRO A 39 3.00 23.48 -15.12
N ASP A 40 2.00 23.07 -15.88
CA ASP A 40 1.75 21.64 -16.05
C ASP A 40 2.92 21.08 -16.86
N PHE A 41 3.87 20.48 -16.14
CA PHE A 41 5.25 20.24 -16.59
C PHE A 41 5.35 19.36 -17.83
N ARG A 42 4.27 18.70 -18.25
CA ARG A 42 4.36 17.81 -19.40
C ARG A 42 4.64 18.58 -20.69
N SER A 43 4.24 19.86 -20.75
CA SER A 43 4.34 20.76 -21.90
C SER A 43 5.61 21.60 -21.82
N PRO A 44 6.27 21.81 -22.96
CA PRO A 44 7.65 22.35 -22.95
C PRO A 44 7.76 23.87 -22.80
N GLY A 45 6.71 24.58 -22.38
CA GLY A 45 6.77 26.02 -22.37
C GLY A 45 7.57 26.69 -21.27
N SER A 46 7.50 26.17 -20.06
CA SER A 46 7.90 26.91 -18.86
C SER A 46 9.40 26.84 -18.60
N GLY A 47 9.83 27.56 -17.55
CA GLY A 47 11.21 27.50 -17.11
C GLY A 47 11.52 26.30 -16.25
N LEU A 48 10.53 25.75 -15.54
CA LEU A 48 10.72 24.48 -14.86
C LEU A 48 11.03 23.36 -15.85
N TYR A 49 10.38 23.39 -17.01
CA TYR A 49 10.67 22.42 -18.06
C TYR A 49 12.14 22.47 -18.46
N SER A 50 12.71 23.67 -18.57
CA SER A 50 14.11 23.80 -18.95
C SER A 50 15.03 23.26 -17.87
N ASN A 51 14.68 23.47 -16.60
CA ASN A 51 15.47 22.91 -15.50
C ASN A 51 15.44 21.39 -15.51
N LEU A 52 14.36 20.80 -16.02
CA LEU A 52 14.27 19.34 -16.15
C LEU A 52 14.91 18.82 -17.43
N GLN A 53 15.02 19.67 -18.46
CA GLN A 53 15.60 19.23 -19.73
C GLN A 53 17.09 18.96 -19.61
N GLN A 54 17.76 19.50 -18.60
CA GLN A 54 19.15 19.17 -18.39
C GLN A 54 19.36 17.74 -17.90
N TYR A 55 18.29 17.05 -17.50
CA TYR A 55 18.40 15.79 -16.79
C TYR A 55 18.09 14.60 -17.71
N ASP A 56 18.04 13.43 -17.09
CA ASP A 56 17.93 12.13 -17.72
C ASP A 56 16.51 11.78 -18.16
N LEU A 57 15.53 12.70 -17.99
CA LEU A 57 14.10 12.40 -18.10
C LEU A 57 13.69 11.84 -19.46
N PRO A 58 13.36 10.55 -19.53
CA PRO A 58 12.89 9.99 -20.82
C PRO A 58 11.52 10.51 -21.22
N TYR A 59 10.68 10.86 -20.25
CA TYR A 59 9.33 11.37 -20.46
C TYR A 59 8.89 12.00 -19.14
N PRO A 60 7.86 12.86 -19.17
CA PRO A 60 7.51 13.62 -17.95
C PRO A 60 7.11 12.76 -16.75
N GLU A 61 6.30 11.72 -16.95
CA GLU A 61 5.80 10.93 -15.83
C GLU A 61 6.88 10.15 -15.10
N ALA A 62 8.09 10.07 -15.66
CA ALA A 62 9.19 9.40 -14.96
C ALA A 62 9.54 10.11 -13.67
N ILE A 63 9.18 11.38 -13.53
CA ILE A 63 9.43 12.10 -12.30
C ILE A 63 8.66 11.50 -11.13
N PHE A 64 7.57 10.76 -11.41
CA PHE A 64 6.77 10.07 -10.41
C PHE A 64 6.89 8.56 -10.48
N GLU A 65 7.98 8.03 -11.00
CA GLU A 65 8.22 6.60 -11.07
C GLU A 65 9.43 6.24 -10.21
N LEU A 66 9.30 5.16 -9.45
CA LEU A 66 10.35 4.80 -8.51
C LEU A 66 11.66 4.36 -9.17
N PRO A 67 11.65 3.53 -10.23
CA PRO A 67 12.95 3.15 -10.80
C PRO A 67 13.73 4.34 -11.32
N PHE A 68 13.06 5.30 -11.97
CA PHE A 68 13.77 6.48 -12.41
C PHE A 68 14.25 7.30 -11.20
N PHE A 69 13.40 7.43 -10.18
CA PHE A 69 13.76 8.19 -8.99
C PHE A 69 15.07 7.69 -8.38
N PHE A 70 15.19 6.37 -8.19
CA PHE A 70 16.41 5.86 -7.56
C PHE A 70 17.61 5.97 -8.49
N HIS A 71 17.37 5.89 -9.80
CA HIS A 71 18.44 6.15 -10.78
C HIS A 71 18.92 7.60 -10.70
N ASN A 72 17.99 8.54 -10.60
CA ASN A 72 18.33 9.96 -10.55
C ASN A 72 17.22 10.75 -9.86
N PRO A 73 17.37 11.06 -8.57
CA PRO A 73 16.30 11.78 -7.87
C PRO A 73 16.27 13.27 -8.16
N LYS A 74 17.28 13.82 -8.84
CA LYS A 74 17.34 15.27 -8.99
C LYS A 74 16.17 15.88 -9.77
N PRO A 75 15.64 15.28 -10.84
CA PRO A 75 14.44 15.88 -11.46
C PRO A 75 13.26 16.01 -10.51
N PHE A 76 12.95 14.95 -9.73
CA PHE A 76 11.85 15.08 -8.78
C PHE A 76 12.10 16.19 -7.78
N PHE A 77 13.32 16.30 -7.24
CA PHE A 77 13.54 17.34 -6.24
C PHE A 77 13.61 18.73 -6.85
N THR A 78 13.86 18.84 -8.16
CA THR A 78 13.67 20.11 -8.84
C THR A 78 12.22 20.55 -8.80
N LEU A 79 11.29 19.61 -9.07
CA LEU A 79 9.87 19.90 -8.94
C LEU A 79 9.50 20.21 -7.50
N ALA A 80 10.02 19.43 -6.54
CA ALA A 80 9.75 19.69 -5.13
C ALA A 80 10.16 21.11 -4.75
N LYS A 81 11.34 21.54 -5.22
CA LYS A 81 11.79 22.89 -4.93
C LYS A 81 10.84 23.93 -5.51
N GLU A 82 10.33 23.68 -6.72
CA GLU A 82 9.42 24.65 -7.34
C GLU A 82 8.08 24.74 -6.62
N LEU A 83 7.58 23.64 -6.05
CA LEU A 83 6.29 23.66 -5.36
C LEU A 83 6.41 24.07 -3.89
N TYR A 84 7.54 24.65 -3.50
CA TYR A 84 7.75 25.04 -2.12
C TYR A 84 6.67 26.00 -1.64
N PRO A 85 6.13 25.82 -0.43
CA PRO A 85 5.03 26.68 0.03
C PRO A 85 5.41 28.15 -0.02
N GLY A 86 4.50 28.95 -0.57
CA GLY A 86 4.70 30.35 -0.76
C GLY A 86 5.01 30.73 -2.19
N ASN A 87 5.56 29.81 -2.98
CA ASN A 87 5.83 30.12 -4.38
C ASN A 87 4.54 30.39 -5.14
N TYR A 88 3.47 29.66 -4.80
CA TYR A 88 2.21 29.73 -5.50
C TYR A 88 1.08 29.95 -4.49
N LYS A 89 0.00 30.55 -4.97
CA LYS A 89 -1.16 30.87 -4.17
C LYS A 89 -2.40 30.20 -4.75
N PRO A 90 -3.42 29.92 -3.93
CA PRO A 90 -4.67 29.35 -4.47
C PRO A 90 -5.34 30.36 -5.40
N ASN A 91 -6.20 29.85 -6.28
CA ASN A 91 -6.91 30.74 -7.20
C ASN A 91 -8.42 30.62 -6.94
N VAL A 92 -9.22 31.24 -7.82
CA VAL A 92 -10.66 31.33 -7.58
C VAL A 92 -11.29 29.94 -7.40
N THR A 93 -10.82 28.95 -8.15
CA THR A 93 -11.38 27.61 -8.00
C THR A 93 -11.15 27.08 -6.59
N HIS A 94 -9.93 27.25 -6.03
CA HIS A 94 -9.71 26.84 -4.65
C HIS A 94 -10.63 27.56 -3.68
N TYR A 95 -10.79 28.88 -3.85
CA TYR A 95 -11.62 29.61 -2.89
C TYR A 95 -13.10 29.32 -3.07
N PHE A 96 -13.52 28.95 -4.28
CA PHE A 96 -14.88 28.42 -4.42
C PHE A 96 -15.08 27.20 -3.54
N LEU A 97 -14.09 26.30 -3.51
CA LEU A 97 -14.22 25.12 -2.66
C LEU A 97 -14.14 25.48 -1.18
N ARG A 98 -13.32 26.48 -0.84
CA ARG A 98 -13.29 26.97 0.54
C ARG A 98 -14.65 27.52 0.96
N LEU A 99 -15.27 28.32 0.08
CA LEU A 99 -16.57 28.90 0.40
C LEU A 99 -17.64 27.83 0.49
N LEU A 100 -17.55 26.82 -0.38
CA LEU A 100 -18.38 25.64 -0.29
C LEU A 100 -18.29 24.99 1.09
N HIS A 101 -17.06 24.87 1.62
CA HIS A 101 -16.89 24.37 2.97
C HIS A 101 -17.45 25.33 4.02
N ASP A 102 -17.17 26.63 3.88
CA ASP A 102 -17.68 27.59 4.87
C ASP A 102 -19.20 27.58 4.94
N LYS A 103 -19.86 27.30 3.82
CA LYS A 103 -21.31 27.28 3.78
C LYS A 103 -21.91 25.93 4.19
N GLY A 104 -21.09 25.02 4.71
CA GLY A 104 -21.59 23.78 5.27
C GLY A 104 -21.94 22.72 4.25
N LEU A 105 -21.47 22.85 3.00
CA LEU A 105 -21.84 21.93 1.94
C LEU A 105 -20.80 20.83 1.67
N LEU A 106 -19.57 20.96 2.16
CA LEU A 106 -18.50 20.07 1.73
C LEU A 106 -18.45 18.83 2.64
N LEU A 107 -18.78 17.68 2.07
CA LEU A 107 -18.54 16.44 2.81
C LEU A 107 -17.06 16.08 2.81
N ARG A 108 -16.42 16.16 1.64
CA ARG A 108 -15.00 15.85 1.53
C ARG A 108 -14.49 16.30 0.17
N LEU A 109 -13.27 16.81 0.13
CA LEU A 109 -12.58 17.19 -1.10
C LEU A 109 -11.44 16.21 -1.34
N TYR A 110 -11.50 15.48 -2.46
CA TYR A 110 -10.45 14.54 -2.86
C TYR A 110 -9.59 15.20 -3.93
N THR A 111 -8.28 15.25 -3.72
CA THR A 111 -7.44 15.94 -4.69
C THR A 111 -6.29 15.03 -5.14
N GLN A 112 -5.97 15.10 -6.43
CA GLN A 112 -4.75 14.49 -6.96
C GLN A 112 -3.54 15.42 -6.89
N ASN A 113 -3.73 16.69 -6.54
CA ASN A 113 -2.66 17.66 -6.60
C ASN A 113 -1.76 17.54 -5.40
N ILE A 114 -0.51 17.93 -5.57
CA ILE A 114 0.46 17.93 -4.49
C ILE A 114 1.01 19.33 -4.21
N ASP A 115 0.32 20.37 -4.72
CA ASP A 115 0.76 21.75 -4.50
C ASP A 115 0.33 22.32 -3.15
N GLY A 116 -0.44 21.57 -2.35
CA GLY A 116 -0.86 22.02 -1.03
C GLY A 116 -1.82 23.19 -1.03
N LEU A 117 -2.38 23.59 -2.17
CA LEU A 117 -3.15 24.82 -2.22
C LEU A 117 -4.54 24.67 -1.60
N GLU A 118 -5.07 23.44 -1.52
CA GLU A 118 -6.35 23.25 -0.83
C GLU A 118 -6.22 23.63 0.65
N ARG A 119 -5.16 23.17 1.32
CA ARG A 119 -4.92 23.56 2.71
C ARG A 119 -4.64 25.04 2.83
N VAL A 120 -3.85 25.61 1.90
CA VAL A 120 -3.52 27.03 1.94
C VAL A 120 -4.78 27.88 1.82
N SER A 121 -5.76 27.42 1.04
CA SER A 121 -6.99 28.18 0.89
C SER A 121 -7.85 28.16 2.14
N GLY A 122 -7.49 27.37 3.14
CA GLY A 122 -8.22 27.34 4.39
C GLY A 122 -9.15 26.17 4.58
N ILE A 123 -9.16 25.20 3.66
CA ILE A 123 -9.99 24.01 3.88
C ILE A 123 -9.34 23.18 4.98
N PRO A 124 -10.07 22.87 6.06
CA PRO A 124 -9.47 22.08 7.15
C PRO A 124 -9.01 20.72 6.67
N ALA A 125 -7.93 20.22 7.30
CA ALA A 125 -7.38 18.92 6.92
C ALA A 125 -8.42 17.80 7.02
N SER A 126 -9.32 17.88 8.00
CA SER A 126 -10.30 16.82 8.16
C SER A 126 -11.28 16.73 7.00
N LYS A 127 -11.46 17.81 6.23
CA LYS A 127 -12.33 17.81 5.06
C LYS A 127 -11.61 17.39 3.79
N LEU A 128 -10.31 17.12 3.87
CA LEU A 128 -9.45 16.94 2.71
C LEU A 128 -8.89 15.54 2.67
N VAL A 129 -8.83 14.96 1.47
CA VAL A 129 -8.09 13.72 1.24
C VAL A 129 -7.09 14.03 0.14
N GLU A 130 -5.83 14.23 0.52
CA GLU A 130 -4.74 14.46 -0.43
C GLU A 130 -4.32 13.10 -0.96
N ALA A 131 -5.03 12.67 -2.00
CA ALA A 131 -5.03 11.27 -2.42
C ALA A 131 -3.71 10.85 -3.07
N HIS A 132 -2.96 11.79 -3.64
CA HIS A 132 -1.64 11.44 -4.18
C HIS A 132 -0.52 11.99 -3.31
N GLY A 133 -0.80 12.24 -2.05
CA GLY A 133 0.25 12.51 -1.07
C GLY A 133 0.46 14.00 -0.85
N THR A 134 1.56 14.29 -0.15
CA THR A 134 1.84 15.64 0.33
C THR A 134 3.34 15.80 0.63
N PHE A 135 3.82 17.03 0.50
CA PHE A 135 5.17 17.39 0.93
C PHE A 135 5.25 17.68 2.42
N ALA A 136 4.13 17.60 3.14
CA ALA A 136 4.13 17.89 4.57
C ALA A 136 4.93 16.87 5.38
N SER A 137 5.18 15.69 4.81
CA SER A 137 5.92 14.65 5.50
C SER A 137 6.77 13.89 4.47
N ALA A 138 7.79 13.19 4.97
CA ALA A 138 8.71 12.44 4.13
C ALA A 138 9.12 11.16 4.84
N THR A 139 9.67 10.21 4.07
CA THR A 139 10.01 8.89 4.59
C THR A 139 11.35 8.45 4.03
N CYS A 140 12.24 7.95 4.89
CA CYS A 140 13.49 7.40 4.37
C CYS A 140 13.21 6.17 3.53
N THR A 141 13.73 6.16 2.30
CA THR A 141 13.49 5.03 1.40
C THR A 141 14.13 3.74 1.88
N VAL A 142 15.09 3.81 2.81
CA VAL A 142 15.79 2.62 3.29
C VAL A 142 15.23 2.18 4.64
N CYS A 143 15.32 3.04 5.67
CA CYS A 143 14.96 2.56 7.00
C CYS A 143 13.51 2.86 7.39
N GLN A 144 12.77 3.57 6.55
CA GLN A 144 11.36 3.92 6.72
C GLN A 144 11.09 4.89 7.87
N ARG A 145 12.11 5.56 8.39
CA ARG A 145 11.87 6.61 9.37
C ARG A 145 11.05 7.75 8.78
N PRO A 146 10.03 8.23 9.47
CA PRO A 146 9.28 9.40 9.01
C PRO A 146 9.95 10.69 9.45
N PHE A 147 9.75 11.74 8.65
CA PHE A 147 10.25 13.07 8.97
C PHE A 147 9.21 14.13 8.62
N PRO A 148 9.15 15.22 9.38
CA PRO A 148 8.36 16.37 8.93
C PRO A 148 8.98 16.98 7.68
N GLY A 149 8.11 17.47 6.80
CA GLY A 149 8.58 18.07 5.57
C GLY A 149 9.55 19.20 5.79
N GLU A 150 9.41 19.91 6.90
CA GLU A 150 10.36 21.00 7.20
C GLU A 150 11.80 20.47 7.34
N ASP A 151 11.96 19.21 7.74
CA ASP A 151 13.30 18.66 7.97
C ASP A 151 14.14 18.54 6.71
N ILE A 152 13.53 18.43 5.53
CA ILE A 152 14.31 18.35 4.30
C ILE A 152 14.35 19.66 3.54
N ARG A 153 13.74 20.72 4.08
CA ARG A 153 13.60 21.96 3.32
C ARG A 153 14.94 22.54 2.91
N ALA A 154 15.89 22.62 3.86
CA ALA A 154 17.16 23.28 3.56
C ALA A 154 17.88 22.58 2.42
N ASP A 155 17.94 21.24 2.46
CA ASP A 155 18.55 20.49 1.36
C ASP A 155 17.85 20.79 0.04
N VAL A 156 16.53 20.64 0.00
CA VAL A 156 15.77 20.84 -1.22
C VAL A 156 16.04 22.23 -1.80
N MET A 157 16.01 23.26 -0.95
CA MET A 157 16.23 24.61 -1.45
C MET A 157 17.67 24.86 -1.88
N ALA A 158 18.61 24.01 -1.44
CA ALA A 158 20.00 24.13 -1.85
C ALA A 158 20.37 23.16 -2.96
N ASP A 159 19.39 22.54 -3.61
CA ASP A 159 19.63 21.58 -4.69
C ASP A 159 20.50 20.41 -4.23
N ARG A 160 20.35 19.98 -2.97
CA ARG A 160 20.99 18.76 -2.48
C ARG A 160 19.92 17.70 -2.26
N VAL A 161 20.20 16.47 -2.66
CA VAL A 161 19.24 15.38 -2.40
C VAL A 161 19.20 15.12 -0.90
N PRO A 162 18.04 15.17 -0.24
CA PRO A 162 18.03 14.95 1.22
C PRO A 162 18.33 13.50 1.56
N ARG A 163 19.21 13.31 2.55
CA ARG A 163 19.60 11.98 3.01
C ARG A 163 19.20 11.80 4.47
N CYS A 164 19.03 10.54 4.84
CA CYS A 164 18.63 10.17 6.20
C CYS A 164 19.78 10.41 7.17
N PRO A 165 19.55 11.08 8.30
CA PRO A 165 20.63 11.28 9.27
C PRO A 165 21.00 10.02 10.03
N VAL A 166 20.22 8.95 9.93
CA VAL A 166 20.54 7.69 10.59
C VAL A 166 21.22 6.70 9.64
N CYS A 167 20.68 6.51 8.43
CA CYS A 167 21.22 5.46 7.56
C CYS A 167 21.77 5.95 6.23
N THR A 168 21.68 7.26 5.94
CA THR A 168 22.07 7.96 4.72
C THR A 168 21.21 7.62 3.51
N GLY A 169 20.12 6.87 3.67
CA GLY A 169 19.24 6.63 2.53
C GLY A 169 18.61 7.92 2.02
N VAL A 170 18.21 7.90 0.74
CA VAL A 170 17.47 9.05 0.20
C VAL A 170 16.15 9.20 0.94
N VAL A 171 15.82 10.42 1.36
CA VAL A 171 14.56 10.70 2.06
C VAL A 171 13.58 11.24 1.03
N LYS A 172 12.45 10.54 0.86
CA LYS A 172 11.51 10.82 -0.21
C LYS A 172 10.24 11.41 0.39
N PRO A 173 9.86 12.61 -0.03
CA PRO A 173 8.56 13.17 0.36
C PRO A 173 7.41 12.19 0.13
N ASP A 174 6.36 12.30 0.94
CA ASP A 174 5.27 11.34 0.89
C ASP A 174 4.33 11.63 -0.26
N ILE A 175 4.91 11.83 -1.44
CA ILE A 175 4.16 11.88 -2.69
C ILE A 175 3.91 10.46 -3.16
N VAL A 176 2.69 10.16 -3.61
CA VAL A 176 2.38 8.83 -4.15
C VAL A 176 2.94 8.72 -5.56
N PHE A 177 3.89 7.80 -5.76
CA PHE A 177 4.40 7.51 -7.09
C PHE A 177 3.60 6.38 -7.72
N PHE A 178 3.73 6.25 -9.04
CA PHE A 178 3.14 5.12 -9.73
C PHE A 178 3.63 3.82 -9.10
N GLY A 179 2.69 2.90 -8.84
CA GLY A 179 3.01 1.66 -8.18
C GLY A 179 2.96 1.71 -6.66
N GLU A 180 2.74 2.88 -6.06
CA GLU A 180 2.67 2.99 -4.60
C GLU A 180 1.23 3.02 -4.11
N PRO A 181 0.99 2.61 -2.87
CA PRO A 181 -0.36 2.68 -2.31
C PRO A 181 -0.75 4.12 -2.05
N LEU A 182 -2.06 4.37 -2.09
CA LEU A 182 -2.54 5.69 -1.73
C LEU A 182 -2.56 5.82 -0.21
N PRO A 183 -2.66 7.05 0.32
CA PRO A 183 -2.61 7.23 1.76
C PRO A 183 -3.79 6.60 2.48
N GLN A 184 -3.61 6.41 3.79
CA GLN A 184 -4.64 5.75 4.59
C GLN A 184 -5.96 6.52 4.54
N ARG A 185 -5.91 7.85 4.52
CA ARG A 185 -7.13 8.64 4.46
C ARG A 185 -7.94 8.37 3.18
N PHE A 186 -7.31 7.82 2.14
CA PHE A 186 -8.06 7.50 0.93
C PHE A 186 -9.22 6.55 1.23
N LEU A 187 -9.09 5.75 2.30
CA LEU A 187 -10.12 4.79 2.69
C LEU A 187 -11.45 5.45 3.01
N LEU A 188 -11.45 6.74 3.36
CA LEU A 188 -12.70 7.43 3.64
C LEU A 188 -13.67 7.37 2.46
N HIS A 189 -13.18 7.04 1.25
CA HIS A 189 -14.07 7.01 0.10
C HIS A 189 -15.14 5.93 0.23
N VAL A 190 -14.87 4.90 1.02
CA VAL A 190 -15.82 3.81 1.22
C VAL A 190 -17.11 4.31 1.84
N VAL A 191 -17.05 5.34 2.70
CA VAL A 191 -18.24 5.90 3.29
C VAL A 191 -18.63 7.24 2.68
N ASP A 192 -17.67 8.04 2.20
CA ASP A 192 -17.98 9.36 1.69
C ASP A 192 -18.85 9.28 0.44
N PHE A 193 -18.49 8.41 -0.49
CA PHE A 193 -19.13 8.45 -1.79
C PHE A 193 -20.55 7.87 -1.75
N PRO A 194 -20.82 6.80 -0.98
CA PRO A 194 -22.23 6.42 -0.77
C PRO A 194 -23.03 7.51 -0.07
N MET A 195 -22.39 8.33 0.76
CA MET A 195 -23.12 9.35 1.51
C MET A 195 -23.36 10.63 0.71
N ALA A 196 -22.63 10.85 -0.39
CA ALA A 196 -22.80 12.09 -1.13
C ALA A 196 -24.17 12.16 -1.79
N ASP A 197 -24.73 13.37 -1.87
CA ASP A 197 -25.89 13.60 -2.72
C ASP A 197 -25.57 14.51 -3.90
N LEU A 198 -24.29 14.87 -4.08
CA LEU A 198 -23.82 15.59 -5.25
C LEU A 198 -22.34 15.31 -5.42
N LEU A 199 -21.91 15.03 -6.66
CA LEU A 199 -20.49 14.87 -6.98
C LEU A 199 -20.06 15.99 -7.93
N LEU A 200 -19.01 16.70 -7.55
CA LEU A 200 -18.40 17.72 -8.41
C LEU A 200 -17.01 17.22 -8.82
N ILE A 201 -16.71 17.31 -10.12
CA ILE A 201 -15.40 16.93 -10.66
C ILE A 201 -14.85 18.15 -11.39
N LEU A 202 -13.69 18.65 -10.95
CA LEU A 202 -13.12 19.88 -11.51
C LEU A 202 -11.70 19.62 -12.00
N GLY A 203 -11.44 20.01 -13.26
CA GLY A 203 -10.07 20.11 -13.73
C GLY A 203 -9.22 18.86 -13.58
N THR A 204 -9.69 17.73 -14.08
CA THR A 204 -8.90 16.51 -14.10
C THR A 204 -9.23 15.71 -15.35
N SER A 205 -8.23 15.05 -15.91
CA SER A 205 -8.45 14.18 -17.04
C SER A 205 -8.90 12.78 -16.64
N LEU A 206 -8.91 12.47 -15.34
CA LEU A 206 -9.34 11.17 -14.83
C LEU A 206 -8.59 10.03 -15.51
N GLU A 207 -7.28 10.18 -15.63
CA GLU A 207 -6.46 9.17 -16.28
C GLU A 207 -5.64 8.33 -15.31
N VAL A 208 -5.79 8.53 -14.00
CA VAL A 208 -5.04 7.77 -13.01
C VAL A 208 -6.01 7.07 -12.06
N GLU A 209 -5.79 5.75 -11.86
CA GLU A 209 -6.52 4.89 -10.95
C GLU A 209 -5.74 4.72 -9.66
N PRO A 210 -6.41 4.42 -8.53
CA PRO A 210 -7.86 4.23 -8.39
C PRO A 210 -8.67 5.51 -8.25
N PHE A 211 -8.01 6.68 -8.36
CA PHE A 211 -8.73 7.94 -8.18
C PHE A 211 -9.88 8.09 -9.19
N ALA A 212 -9.63 7.75 -10.46
CA ALA A 212 -10.62 8.05 -11.51
C ALA A 212 -11.92 7.28 -11.29
N SER A 213 -11.82 6.03 -10.83
CA SER A 213 -13.02 5.21 -10.67
C SER A 213 -13.90 5.66 -9.51
N LEU A 214 -13.45 6.59 -8.66
CA LEU A 214 -14.34 7.10 -7.63
C LEU A 214 -15.61 7.72 -8.22
N THR A 215 -15.54 8.20 -9.46
CA THR A 215 -16.72 8.78 -10.11
C THR A 215 -17.89 7.79 -10.16
N GLU A 216 -17.61 6.49 -10.21
CA GLU A 216 -18.64 5.47 -10.31
C GLU A 216 -19.20 5.07 -8.95
N ALA A 217 -18.64 5.56 -7.86
CA ALA A 217 -18.97 5.12 -6.51
C ALA A 217 -20.14 5.88 -5.88
N VAL A 218 -20.63 6.96 -6.50
CA VAL A 218 -21.85 7.58 -6.00
C VAL A 218 -23.06 6.81 -6.51
N ARG A 219 -24.19 6.99 -5.82
CA ARG A 219 -25.43 6.31 -6.14
C ARG A 219 -25.98 6.79 -7.48
N SER A 220 -26.83 5.95 -8.07
CA SER A 220 -27.35 6.23 -9.41
C SER A 220 -28.16 7.51 -9.45
N SER A 221 -28.81 7.87 -8.35
CA SER A 221 -29.64 9.08 -8.32
C SER A 221 -28.82 10.35 -8.10
N VAL A 222 -27.52 10.25 -7.86
CA VAL A 222 -26.71 11.42 -7.50
C VAL A 222 -26.20 12.11 -8.77
N PRO A 223 -26.47 13.40 -8.95
CA PRO A 223 -25.90 14.12 -10.09
C PRO A 223 -24.38 14.19 -10.01
N ARG A 224 -23.75 14.11 -11.18
CA ARG A 224 -22.29 14.24 -11.32
C ARG A 224 -22.02 15.42 -12.25
N LEU A 225 -21.47 16.50 -11.70
CA LEU A 225 -21.24 17.73 -12.44
C LEU A 225 -19.74 17.85 -12.72
N LEU A 226 -19.40 17.85 -14.01
CA LEU A 226 -18.01 17.93 -14.46
C LEU A 226 -17.76 19.33 -14.99
N ILE A 227 -16.76 20.01 -14.44
CA ILE A 227 -16.31 21.30 -14.93
C ILE A 227 -14.88 21.10 -15.41
N ASN A 228 -14.69 21.11 -16.73
CA ASN A 228 -13.45 20.63 -17.31
C ASN A 228 -13.43 21.00 -18.78
N ARG A 229 -12.23 21.00 -19.37
CA ARG A 229 -12.13 21.27 -20.80
C ARG A 229 -12.94 20.27 -21.62
N ASP A 230 -12.75 18.98 -21.37
CA ASP A 230 -13.44 17.96 -22.15
C ASP A 230 -14.06 16.90 -21.26
N LEU A 231 -14.94 16.10 -21.85
CA LEU A 231 -15.56 14.96 -21.19
C LEU A 231 -14.55 13.83 -21.11
N VAL A 232 -14.29 13.34 -19.89
CA VAL A 232 -13.16 12.43 -19.66
C VAL A 232 -13.56 11.30 -18.72
N GLY A 233 -12.77 10.23 -18.77
CA GLY A 233 -12.85 9.14 -17.83
C GLY A 233 -14.15 8.38 -17.91
N PRO A 234 -14.54 7.78 -16.78
CA PRO A 234 -15.81 7.03 -16.75
C PRO A 234 -17.02 7.88 -17.09
N LEU A 235 -16.92 9.20 -17.01
CA LEU A 235 -18.04 10.03 -17.42
C LEU A 235 -18.21 10.03 -18.94
N ALA A 236 -17.15 9.74 -19.69
CA ALA A 236 -17.28 9.59 -21.13
C ALA A 236 -17.74 8.18 -21.51
N TRP A 237 -17.21 7.15 -20.85
CA TRP A 237 -17.46 5.77 -21.24
C TRP A 237 -18.71 5.17 -20.59
N HIS A 238 -19.10 5.66 -19.41
CA HIS A 238 -20.28 5.14 -18.71
C HIS A 238 -21.12 6.32 -18.22
N PRO A 239 -21.73 7.06 -19.14
CA PRO A 239 -22.51 8.23 -18.72
C PRO A 239 -23.80 7.82 -18.04
N ARG A 240 -24.24 8.65 -17.10
CA ARG A 240 -25.47 8.42 -16.35
C ARG A 240 -26.46 9.54 -16.64
N SER A 241 -27.73 9.28 -16.32
CA SER A 241 -28.78 10.18 -16.79
C SER A 241 -28.70 11.56 -16.14
N ARG A 242 -28.15 11.64 -14.92
CA ARG A 242 -28.08 12.91 -14.20
C ARG A 242 -26.68 13.53 -14.24
N ASP A 243 -25.89 13.19 -15.25
CA ASP A 243 -24.59 13.83 -15.46
C ASP A 243 -24.77 15.21 -16.09
N VAL A 244 -23.97 16.15 -15.64
CA VAL A 244 -23.95 17.50 -16.22
C VAL A 244 -22.51 17.83 -16.59
N ALA A 245 -22.30 18.20 -17.84
CA ALA A 245 -20.97 18.56 -18.32
C ALA A 245 -20.94 20.05 -18.61
N GLN A 246 -20.10 20.78 -17.90
CA GLN A 246 -19.87 22.20 -18.17
C GLN A 246 -18.47 22.28 -18.78
N LEU A 247 -18.41 22.14 -20.11
CA LEU A 247 -17.14 22.01 -20.79
C LEU A 247 -16.58 23.38 -21.17
N GLY A 248 -15.33 23.61 -20.84
CA GLY A 248 -14.69 24.88 -21.12
C GLY A 248 -13.62 25.14 -20.08
N ASP A 249 -13.20 26.40 -20.04
CA ASP A 249 -12.25 26.84 -19.02
C ASP A 249 -12.81 26.54 -17.64
N VAL A 250 -11.98 25.97 -16.76
CA VAL A 250 -12.46 25.56 -15.44
C VAL A 250 -12.91 26.77 -14.62
N VAL A 251 -12.10 27.84 -14.62
CA VAL A 251 -12.48 29.00 -13.81
C VAL A 251 -13.75 29.64 -14.33
N HIS A 252 -13.95 29.64 -15.65
N HIS A 252 -13.98 29.61 -15.65
CA HIS A 252 -15.19 30.15 -16.23
CA HIS A 252 -15.21 30.19 -16.18
C HIS A 252 -16.40 29.36 -15.73
C HIS A 252 -16.43 29.37 -15.78
N GLY A 253 -16.31 28.03 -15.79
CA GLY A 253 -17.40 27.20 -15.29
C GLY A 253 -17.68 27.42 -13.82
N VAL A 254 -16.62 27.57 -13.02
CA VAL A 254 -16.81 27.87 -11.60
C VAL A 254 -17.49 29.22 -11.42
N GLU A 255 -17.03 30.24 -12.15
CA GLU A 255 -17.65 31.57 -12.04
C GLU A 255 -19.13 31.52 -12.41
N SER A 256 -19.49 30.74 -13.43
CA SER A 256 -20.88 30.60 -13.82
C SER A 256 -21.71 29.95 -12.72
N LEU A 257 -21.19 28.87 -12.11
CA LEU A 257 -21.90 28.21 -11.03
C LEU A 257 -22.04 29.10 -9.80
N VAL A 258 -20.95 29.79 -9.42
CA VAL A 258 -20.98 30.71 -8.29
C VAL A 258 -22.09 31.75 -8.47
N GLU A 259 -22.21 32.31 -9.68
CA GLU A 259 -23.25 33.32 -9.92
C GLU A 259 -24.66 32.72 -9.79
N LEU A 260 -24.86 31.52 -10.36
CA LEU A 260 -26.16 30.86 -10.26
C LEU A 260 -26.52 30.51 -8.82
N LEU A 261 -25.52 30.18 -8.00
CA LEU A 261 -25.75 29.91 -6.58
C LEU A 261 -26.02 31.19 -5.79
N GLY A 262 -25.72 32.36 -6.35
CA GLY A 262 -25.88 33.60 -5.62
C GLY A 262 -24.72 33.98 -4.73
N TRP A 263 -23.51 33.45 -5.01
CA TRP A 263 -22.36 33.60 -4.14
C TRP A 263 -21.31 34.58 -4.66
N THR A 264 -21.55 35.30 -5.77
CA THR A 264 -20.44 35.99 -6.42
C THR A 264 -19.79 37.03 -5.52
N GLU A 265 -20.58 37.92 -4.91
CA GLU A 265 -19.97 38.97 -4.10
C GLU A 265 -19.28 38.39 -2.87
N GLU A 266 -19.87 37.36 -2.27
CA GLU A 266 -19.23 36.72 -1.13
C GLU A 266 -17.91 36.07 -1.52
N MET A 267 -17.88 35.42 -2.69
CA MET A 267 -16.64 34.80 -3.14
C MET A 267 -15.55 35.84 -3.38
N ARG A 268 -15.89 36.97 -4.00
CA ARG A 268 -14.86 37.98 -4.26
C ARG A 268 -14.34 38.59 -2.97
N ASP A 269 -15.22 38.83 -1.99
CA ASP A 269 -14.76 39.33 -0.69
C ASP A 269 -13.77 38.36 -0.06
N LEU A 270 -14.08 37.06 -0.12
CA LEU A 270 -13.22 36.04 0.46
C LEU A 270 -11.86 36.01 -0.24
N VAL A 271 -11.86 36.01 -1.57
CA VAL A 271 -10.60 35.99 -2.31
C VAL A 271 -9.76 37.21 -1.96
N GLN A 272 -10.37 38.39 -1.95
CA GLN A 272 -9.63 39.61 -1.62
C GLN A 272 -8.94 39.47 -0.26
N ARG A 273 -9.67 39.04 0.76
CA ARG A 273 -9.09 38.97 2.08
C ARG A 273 -8.06 37.86 2.18
N GLU A 274 -8.33 36.69 1.58
CA GLU A 274 -7.38 35.59 1.70
C GLU A 274 -6.08 35.87 0.95
N THR A 275 -6.17 36.35 -0.30
CA THR A 275 -4.95 36.66 -1.04
C THR A 275 -4.08 37.67 -0.30
N GLY A 276 -4.72 38.63 0.37
CA GLY A 276 -3.96 39.63 1.11
C GLY A 276 -3.27 39.05 2.33
N LYS A 277 -3.91 38.09 2.99
CA LYS A 277 -3.26 37.41 4.12
C LYS A 277 -1.98 36.71 3.69
N LEU A 278 -1.90 36.30 2.43
CA LEU A 278 -0.73 35.58 1.93
C LEU A 278 0.31 36.56 1.40
N LYS B 6 0.16 -20.62 34.05
CA LYS B 6 -1.20 -21.08 34.32
C LYS B 6 -1.60 -22.25 33.40
N LEU B 7 -1.64 -21.99 32.09
CA LEU B 7 -1.99 -23.03 31.13
C LEU B 7 -0.75 -23.76 30.64
N SER B 8 -0.91 -25.05 30.37
CA SER B 8 0.15 -25.89 29.84
C SER B 8 -0.15 -26.26 28.39
N LEU B 9 0.86 -26.84 27.73
CA LEU B 9 0.63 -27.41 26.40
C LEU B 9 -0.49 -28.44 26.45
N GLN B 10 -0.51 -29.28 27.48
CA GLN B 10 -1.57 -30.28 27.58
C GLN B 10 -2.94 -29.65 27.78
N ASP B 11 -3.01 -28.53 28.52
CA ASP B 11 -4.28 -27.83 28.63
C ASP B 11 -4.81 -27.41 27.26
N VAL B 12 -3.92 -26.84 26.42
CA VAL B 12 -4.33 -26.41 25.09
C VAL B 12 -4.78 -27.60 24.25
N ALA B 13 -4.04 -28.71 24.33
CA ALA B 13 -4.46 -29.91 23.61
C ALA B 13 -5.84 -30.37 24.07
N GLU B 14 -6.12 -30.32 25.36
CA GLU B 14 -7.43 -30.76 25.83
C GLU B 14 -8.55 -29.80 25.39
N LEU B 15 -8.26 -28.50 25.28
CA LEU B 15 -9.25 -27.58 24.72
C LEU B 15 -9.65 -28.00 23.30
N ILE B 16 -8.66 -28.38 22.49
CA ILE B 16 -8.96 -28.85 21.14
C ILE B 16 -9.70 -30.18 21.20
N ARG B 17 -9.22 -31.10 22.04
CA ARG B 17 -9.82 -32.43 22.08
C ARG B 17 -11.26 -32.39 22.57
N ALA B 18 -11.56 -31.51 23.53
CA ALA B 18 -12.93 -31.35 24.03
C ALA B 18 -13.80 -30.47 23.13
N ARG B 19 -13.27 -30.01 22.00
CA ARG B 19 -13.97 -29.09 21.09
C ARG B 19 -14.37 -27.79 21.77
N ALA B 20 -13.56 -27.35 22.74
CA ALA B 20 -13.75 -26.02 23.31
C ALA B 20 -13.11 -24.95 22.44
N CYS B 21 -12.16 -25.32 21.59
CA CYS B 21 -11.58 -24.43 20.59
C CYS B 21 -11.89 -25.00 19.22
N GLN B 22 -12.54 -24.19 18.37
CA GLN B 22 -12.96 -24.62 17.05
C GLN B 22 -12.35 -23.83 15.90
N ARG B 23 -11.77 -22.66 16.16
CA ARG B 23 -11.36 -21.74 15.10
C ARG B 23 -9.95 -21.27 15.41
N VAL B 24 -8.96 -21.97 14.88
CA VAL B 24 -7.56 -21.70 15.17
C VAL B 24 -7.02 -20.78 14.09
N VAL B 25 -6.38 -19.69 14.51
CA VAL B 25 -5.59 -18.85 13.60
C VAL B 25 -4.12 -19.12 13.90
N VAL B 26 -3.32 -19.24 12.83
CA VAL B 26 -1.92 -19.59 12.98
C VAL B 26 -1.08 -18.49 12.35
N MET B 27 0.03 -18.15 12.99
CA MET B 27 1.04 -17.25 12.44
C MET B 27 2.37 -17.98 12.38
N VAL B 28 3.02 -17.96 11.21
CA VAL B 28 4.29 -18.68 11.07
C VAL B 28 5.33 -17.78 10.39
N GLY B 29 6.60 -18.13 10.61
CA GLY B 29 7.71 -17.44 9.98
C GLY B 29 8.86 -18.34 9.59
N ALA B 30 10.04 -17.76 9.39
CA ALA B 30 11.15 -18.48 8.77
C ALA B 30 11.56 -19.71 9.54
N GLY B 31 11.32 -19.73 10.86
CA GLY B 31 11.70 -20.86 11.68
C GLY B 31 11.00 -22.17 11.33
N ILE B 32 9.82 -22.11 10.71
CA ILE B 32 9.18 -23.38 10.36
C ILE B 32 9.78 -24.03 9.12
N SER B 33 10.59 -23.30 8.36
CA SER B 33 11.10 -23.83 7.10
C SER B 33 12.57 -24.19 7.14
N THR B 34 13.29 -23.79 8.18
CA THR B 34 14.69 -24.20 8.28
C THR B 34 14.86 -25.73 8.28
N PRO B 35 13.96 -26.54 8.86
CA PRO B 35 14.12 -27.99 8.74
C PRO B 35 14.01 -28.50 7.30
N SER B 36 13.36 -27.75 6.40
CA SER B 36 13.35 -28.17 5.00
C SER B 36 14.69 -27.95 4.33
N GLY B 37 15.65 -27.35 5.01
CA GLY B 37 16.95 -27.09 4.44
C GLY B 37 17.06 -25.73 3.79
N ILE B 38 16.04 -24.89 3.92
CA ILE B 38 16.09 -23.56 3.36
C ILE B 38 17.14 -22.78 4.14
N PRO B 39 18.29 -22.48 3.53
CA PRO B 39 19.37 -21.81 4.26
C PRO B 39 18.94 -20.41 4.64
N ASP B 40 19.14 -20.05 5.90
CA ASP B 40 18.79 -18.71 6.34
C ASP B 40 19.90 -17.76 5.90
N PHE B 41 19.59 -16.95 4.88
CA PHE B 41 20.59 -16.20 4.13
C PHE B 41 21.42 -15.26 5.00
N ARG B 42 20.94 -14.92 6.20
CA ARG B 42 21.68 -14.02 7.06
C ARG B 42 22.92 -14.69 7.67
N SER B 43 22.92 -16.01 7.80
CA SER B 43 24.03 -16.73 8.43
C SER B 43 25.01 -17.27 7.39
N PRO B 44 26.31 -17.16 7.66
CA PRO B 44 27.33 -17.36 6.62
C PRO B 44 27.63 -18.81 6.27
N GLY B 45 26.86 -19.79 6.73
CA GLY B 45 27.24 -21.18 6.52
C GLY B 45 27.04 -21.77 5.14
N SER B 46 25.98 -21.35 4.45
CA SER B 46 25.45 -22.10 3.31
C SER B 46 26.10 -21.71 1.98
N GLY B 47 25.67 -22.40 0.92
CA GLY B 47 26.12 -22.06 -0.42
C GLY B 47 25.38 -20.89 -1.03
N LEU B 48 24.13 -20.65 -0.61
CA LEU B 48 23.44 -19.44 -1.04
C LEU B 48 24.15 -18.20 -0.52
N TYR B 49 24.62 -18.25 0.73
CA TYR B 49 25.37 -17.14 1.30
C TYR B 49 26.59 -16.80 0.46
N SER B 50 27.30 -17.81 -0.04
CA SER B 50 28.49 -17.57 -0.86
C SER B 50 28.12 -16.95 -2.20
N ASN B 51 26.99 -17.38 -2.78
CA ASN B 51 26.53 -16.76 -4.02
C ASN B 51 26.15 -15.30 -3.83
N LEU B 52 25.73 -14.94 -2.62
CA LEU B 52 25.38 -13.55 -2.33
C LEU B 52 26.60 -12.72 -1.96
N GLN B 53 27.64 -13.35 -1.39
CA GLN B 53 28.83 -12.62 -0.99
C GLN B 53 29.66 -12.15 -2.17
N GLN B 54 29.38 -12.63 -3.38
CA GLN B 54 30.03 -12.09 -4.57
C GLN B 54 29.55 -10.68 -4.89
N TYR B 55 28.44 -10.24 -4.31
CA TYR B 55 27.84 -8.96 -4.62
C TYR B 55 28.14 -7.92 -3.53
N ASP B 56 27.75 -6.68 -3.80
CA ASP B 56 27.97 -5.57 -2.90
C ASP B 56 26.89 -5.43 -1.82
N LEU B 57 26.33 -6.55 -1.37
CA LEU B 57 25.31 -6.62 -0.32
C LEU B 57 25.85 -6.05 0.99
N PRO B 58 25.36 -4.89 1.44
CA PRO B 58 25.89 -4.32 2.69
C PRO B 58 25.47 -5.08 3.94
N TYR B 59 24.32 -5.74 3.89
CA TYR B 59 23.78 -6.53 4.99
C TYR B 59 22.66 -7.38 4.41
N PRO B 60 22.26 -8.45 5.12
CA PRO B 60 21.29 -9.40 4.51
C PRO B 60 19.95 -8.77 4.14
N GLU B 61 19.36 -7.94 5.00
CA GLU B 61 18.03 -7.41 4.74
C GLU B 61 17.97 -6.50 3.51
N ALA B 62 19.12 -6.09 2.97
CA ALA B 62 19.10 -5.26 1.77
C ALA B 62 18.50 -6.01 0.59
N ILE B 63 18.50 -7.34 0.62
CA ILE B 63 17.88 -8.13 -0.43
C ILE B 63 16.39 -7.83 -0.55
N PHE B 64 15.75 -7.35 0.53
CA PHE B 64 14.34 -6.99 0.54
C PHE B 64 14.13 -5.48 0.69
N GLU B 65 15.06 -4.68 0.22
CA GLU B 65 14.93 -3.23 0.27
C GLU B 65 14.95 -2.67 -1.14
N LEU B 66 14.05 -1.73 -1.42
CA LEU B 66 13.90 -1.25 -2.78
C LEU B 66 15.10 -0.43 -3.28
N PRO B 67 15.69 0.48 -2.50
CA PRO B 67 16.83 1.22 -3.06
C PRO B 67 17.98 0.30 -3.44
N PHE B 68 18.29 -0.69 -2.60
CA PHE B 68 19.33 -1.65 -3.00
C PHE B 68 18.90 -2.44 -4.24
N PHE B 69 17.65 -2.88 -4.27
CA PHE B 69 17.16 -3.67 -5.40
C PHE B 69 17.38 -2.95 -6.72
N PHE B 70 17.00 -1.67 -6.81
CA PHE B 70 17.16 -0.97 -8.08
C PHE B 70 18.62 -0.67 -8.39
N HIS B 71 19.45 -0.49 -7.36
CA HIS B 71 20.90 -0.39 -7.57
C HIS B 71 21.46 -1.69 -8.13
N ASN B 72 21.04 -2.81 -7.60
CA ASN B 72 21.56 -4.12 -8.03
C ASN B 72 20.55 -5.23 -7.73
N PRO B 73 19.76 -5.64 -8.71
CA PRO B 73 18.73 -6.66 -8.44
C PRO B 73 19.26 -8.08 -8.38
N LYS B 74 20.53 -8.31 -8.76
CA LYS B 74 21.00 -9.69 -8.88
C LYS B 74 21.00 -10.47 -7.57
N PRO B 75 21.36 -9.90 -6.41
CA PRO B 75 21.23 -10.68 -5.17
C PRO B 75 19.82 -11.19 -4.91
N PHE B 76 18.81 -10.33 -5.07
CA PHE B 76 17.44 -10.80 -4.86
C PHE B 76 17.10 -11.93 -5.83
N PHE B 77 17.48 -11.80 -7.10
CA PHE B 77 17.11 -12.86 -8.04
C PHE B 77 17.93 -14.11 -7.84
N THR B 78 19.09 -14.03 -7.17
CA THR B 78 19.79 -15.22 -6.73
C THR B 78 18.97 -16.00 -5.71
N LEU B 79 18.39 -15.29 -4.74
CA LEU B 79 17.47 -15.93 -3.80
C LEU B 79 16.24 -16.47 -4.50
N ALA B 80 15.68 -15.69 -5.43
CA ALA B 80 14.51 -16.15 -6.18
C ALA B 80 14.78 -17.45 -6.89
N LYS B 81 15.96 -17.56 -7.51
CA LYS B 81 16.34 -18.81 -8.18
C LYS B 81 16.43 -19.96 -7.18
N GLU B 82 16.97 -19.69 -5.99
CA GLU B 82 17.12 -20.77 -5.01
C GLU B 82 15.78 -21.27 -4.50
N LEU B 83 14.77 -20.40 -4.38
CA LEU B 83 13.46 -20.78 -3.86
C LEU B 83 12.52 -21.32 -4.94
N TYR B 84 13.02 -21.60 -6.13
CA TYR B 84 12.17 -22.06 -7.22
C TYR B 84 11.40 -23.31 -6.81
N PRO B 85 10.11 -23.41 -7.15
CA PRO B 85 9.31 -24.55 -6.72
C PRO B 85 9.93 -25.88 -7.12
N GLY B 86 10.01 -26.80 -6.16
CA GLY B 86 10.61 -28.10 -6.36
C GLY B 86 11.97 -28.25 -5.70
N ASN B 87 12.68 -27.14 -5.51
CA ASN B 87 13.97 -27.21 -4.83
C ASN B 87 13.81 -27.70 -3.40
N TYR B 88 12.73 -27.29 -2.74
CA TYR B 88 12.49 -27.59 -1.34
C TYR B 88 11.09 -28.15 -1.17
N LYS B 89 10.93 -28.98 -0.13
CA LYS B 89 9.68 -29.65 0.20
C LYS B 89 9.21 -29.19 1.59
N PRO B 90 7.92 -29.24 1.85
CA PRO B 90 7.42 -28.93 3.21
C PRO B 90 7.94 -29.95 4.20
N ASN B 91 7.95 -29.58 5.48
CA ASN B 91 8.39 -30.52 6.51
C ASN B 91 7.25 -30.80 7.47
N VAL B 92 7.57 -31.48 8.58
CA VAL B 92 6.51 -31.94 9.49
C VAL B 92 5.67 -30.77 10.02
N THR B 93 6.30 -29.62 10.28
CA THR B 93 5.52 -28.46 10.74
C THR B 93 4.47 -28.06 9.70
N HIS B 94 4.85 -28.00 8.41
CA HIS B 94 3.86 -27.69 7.38
C HIS B 94 2.74 -28.72 7.35
N TYR B 95 3.07 -30.00 7.45
CA TYR B 95 2.02 -31.02 7.35
C TYR B 95 1.17 -31.07 8.61
N PHE B 96 1.72 -30.66 9.77
CA PHE B 96 0.87 -30.47 10.94
C PHE B 96 -0.22 -29.45 10.66
N LEU B 97 0.15 -28.33 10.03
CA LEU B 97 -0.84 -27.32 9.70
C LEU B 97 -1.81 -27.80 8.63
N ARG B 98 -1.33 -28.61 7.68
CA ARG B 98 -2.22 -29.24 6.71
C ARG B 98 -3.23 -30.14 7.39
N LEU B 99 -2.76 -30.97 8.34
CA LEU B 99 -3.67 -31.85 9.06
C LEU B 99 -4.65 -31.05 9.91
N LEU B 100 -4.17 -29.96 10.52
CA LEU B 100 -5.05 -29.04 11.22
C LEU B 100 -6.18 -28.56 10.32
N HIS B 101 -5.86 -28.21 9.07
CA HIS B 101 -6.89 -27.83 8.11
C HIS B 101 -7.80 -29.00 7.74
N ASP B 102 -7.21 -30.17 7.47
CA ASP B 102 -8.01 -31.34 7.10
C ASP B 102 -9.00 -31.71 8.20
N LYS B 103 -8.65 -31.48 9.46
CA LYS B 103 -9.52 -31.81 10.58
C LYS B 103 -10.51 -30.70 10.90
N GLY B 104 -10.60 -29.68 10.05
CA GLY B 104 -11.61 -28.65 10.20
C GLY B 104 -11.33 -27.59 11.22
N LEU B 105 -10.08 -27.45 11.67
CA LEU B 105 -9.73 -26.53 12.74
C LEU B 105 -9.16 -25.19 12.27
N LEU B 106 -8.74 -25.08 11.02
CA LEU B 106 -7.95 -23.92 10.60
C LEU B 106 -8.88 -22.82 10.10
N LEU B 107 -8.95 -21.71 10.82
CA LEU B 107 -9.64 -20.54 10.30
C LEU B 107 -8.80 -19.87 9.23
N ARG B 108 -7.53 -19.63 9.51
CA ARG B 108 -6.63 -18.99 8.55
C ARG B 108 -5.20 -19.18 9.02
N LEU B 109 -4.29 -19.35 8.06
CA LEU B 109 -2.85 -19.43 8.30
C LEU B 109 -2.20 -18.20 7.72
N TYR B 110 -1.57 -17.38 8.56
CA TYR B 110 -0.85 -16.19 8.14
C TYR B 110 0.64 -16.51 8.13
N THR B 111 1.31 -16.31 6.99
CA THR B 111 2.73 -16.65 6.90
C THR B 111 3.56 -15.46 6.43
N GLN B 112 4.74 -15.31 7.01
CA GLN B 112 5.74 -14.37 6.50
C GLN B 112 6.65 -14.99 5.44
N ASN B 113 6.58 -16.30 5.23
CA ASN B 113 7.52 -16.98 4.35
C ASN B 113 7.12 -16.78 2.91
N ILE B 114 8.12 -16.84 2.03
CA ILE B 114 7.90 -16.71 0.60
C ILE B 114 8.37 -17.96 -0.13
N ASP B 115 8.55 -19.07 0.60
CA ASP B 115 8.98 -20.32 -0.02
C ASP B 115 7.85 -21.11 -0.66
N GLY B 116 6.60 -20.66 -0.50
CA GLY B 116 5.44 -21.33 -1.06
C GLY B 116 5.13 -22.71 -0.49
N LEU B 117 5.74 -23.07 0.63
CA LEU B 117 5.61 -24.44 1.11
C LEU B 117 4.26 -24.70 1.77
N GLU B 118 3.57 -23.67 2.26
CA GLU B 118 2.21 -23.87 2.77
C GLU B 118 1.28 -24.37 1.67
N ARG B 119 1.32 -23.74 0.49
CA ARG B 119 0.51 -24.22 -0.63
C ARG B 119 0.96 -25.60 -1.09
N VAL B 120 2.28 -25.85 -1.16
CA VAL B 120 2.77 -27.16 -1.58
C VAL B 120 2.27 -28.26 -0.64
N SER B 121 2.17 -27.96 0.66
CA SER B 121 1.68 -28.96 1.60
C SER B 121 0.21 -29.27 1.41
N GLY B 122 -0.49 -28.51 0.57
CA GLY B 122 -1.89 -28.79 0.30
C GLY B 122 -2.89 -27.93 1.03
N ILE B 123 -2.45 -26.87 1.72
CA ILE B 123 -3.40 -25.96 2.34
C ILE B 123 -4.02 -25.12 1.23
N PRO B 124 -5.35 -25.09 1.13
CA PRO B 124 -6.00 -24.31 0.05
C PRO B 124 -5.67 -22.83 0.16
N ALA B 125 -5.56 -22.18 -1.00
CA ALA B 125 -5.27 -20.75 -1.04
C ALA B 125 -6.27 -19.94 -0.20
N SER B 126 -7.54 -20.36 -0.17
CA SER B 126 -8.52 -19.58 0.58
C SER B 126 -8.26 -19.59 2.08
N LYS B 127 -7.52 -20.57 2.58
CA LYS B 127 -7.21 -20.62 4.02
C LYS B 127 -5.89 -19.92 4.34
N LEU B 128 -5.21 -19.39 3.33
CA LEU B 128 -3.85 -18.90 3.46
C LEU B 128 -3.79 -17.41 3.22
N VAL B 129 -3.01 -16.71 4.03
CA VAL B 129 -2.67 -15.31 3.78
C VAL B 129 -1.16 -15.25 3.69
N GLU B 130 -0.64 -15.16 2.48
CA GLU B 130 0.80 -15.04 2.26
C GLU B 130 1.14 -13.58 2.44
N ALA B 131 1.42 -13.20 3.70
CA ALA B 131 1.40 -11.80 4.11
C ALA B 131 2.58 -11.02 3.59
N HIS B 132 3.71 -11.68 3.30
CA HIS B 132 4.84 -10.98 2.70
C HIS B 132 5.00 -11.33 1.22
N GLY B 133 3.92 -11.77 0.58
CA GLY B 133 3.90 -11.90 -0.86
C GLY B 133 4.21 -13.32 -1.32
N THR B 134 4.44 -13.43 -2.63
CA THR B 134 4.55 -14.71 -3.32
C THR B 134 5.29 -14.53 -4.64
N PHE B 135 5.97 -15.60 -5.07
CA PHE B 135 6.57 -15.66 -6.41
C PHE B 135 5.57 -16.10 -7.46
N ALA B 136 4.32 -16.39 -7.08
CA ALA B 136 3.31 -16.80 -8.05
C ALA B 136 2.99 -15.72 -9.06
N SER B 137 3.28 -14.45 -8.74
CA SER B 137 2.99 -13.35 -9.65
C SER B 137 4.11 -12.31 -9.52
N ALA B 138 4.18 -11.43 -10.53
CA ALA B 138 5.20 -10.38 -10.60
C ALA B 138 4.61 -9.14 -11.25
N THR B 139 5.30 -8.01 -11.09
CA THR B 139 4.78 -6.71 -11.53
C THR B 139 5.93 -5.90 -12.11
N CYS B 140 5.72 -5.32 -13.29
CA CYS B 140 6.76 -4.43 -13.82
C CYS B 140 6.90 -3.22 -12.90
N THR B 141 8.15 -2.94 -12.52
CA THR B 141 8.40 -1.81 -11.63
C THR B 141 8.16 -0.45 -12.28
N VAL B 142 8.08 -0.39 -13.61
CA VAL B 142 7.87 0.87 -14.31
C VAL B 142 6.41 1.03 -14.74
N CYS B 143 5.89 0.11 -15.55
CA CYS B 143 4.53 0.32 -16.09
C CYS B 143 3.43 -0.34 -15.27
N GLN B 144 3.78 -1.13 -14.26
CA GLN B 144 2.85 -1.80 -13.34
C GLN B 144 2.07 -2.94 -13.99
N ARG B 145 2.46 -3.41 -15.17
CA ARG B 145 1.81 -4.59 -15.74
C ARG B 145 2.03 -5.82 -14.87
N PRO B 146 0.99 -6.61 -14.61
CA PRO B 146 1.16 -7.86 -13.88
C PRO B 146 1.57 -9.00 -14.82
N PHE B 147 2.29 -9.97 -14.26
CA PHE B 147 2.66 -11.18 -14.99
C PHE B 147 2.54 -12.41 -14.09
N PRO B 148 2.15 -13.57 -14.64
CA PRO B 148 2.27 -14.80 -13.87
C PRO B 148 3.73 -15.12 -13.62
N GLY B 149 3.99 -15.71 -12.44
CA GLY B 149 5.35 -16.03 -12.06
C GLY B 149 6.07 -16.92 -13.07
N GLU B 150 5.33 -17.78 -13.76
CA GLU B 150 5.95 -18.61 -14.79
C GLU B 150 6.58 -17.78 -15.90
N ASP B 151 6.08 -16.56 -16.14
CA ASP B 151 6.59 -15.75 -17.25
C ASP B 151 8.03 -15.29 -17.03
N ILE B 152 8.51 -15.23 -15.79
CA ILE B 152 9.88 -14.81 -15.56
C ILE B 152 10.80 -15.98 -15.25
N ARG B 153 10.28 -17.21 -15.25
CA ARG B 153 11.04 -18.36 -14.77
C ARG B 153 12.31 -18.58 -15.60
N ALA B 154 12.19 -18.50 -16.93
CA ALA B 154 13.33 -18.80 -17.79
C ALA B 154 14.49 -17.83 -17.51
N ASP B 155 14.20 -16.53 -17.44
CA ASP B 155 15.23 -15.56 -17.12
C ASP B 155 15.86 -15.84 -15.76
N VAL B 156 15.02 -16.04 -14.74
CA VAL B 156 15.51 -16.28 -13.38
C VAL B 156 16.46 -17.48 -13.35
N MET B 157 16.08 -18.58 -14.00
CA MET B 157 16.92 -19.77 -13.97
C MET B 157 18.18 -19.62 -14.81
N ALA B 158 18.21 -18.65 -15.72
CA ALA B 158 19.41 -18.39 -16.52
C ALA B 158 20.24 -17.23 -15.95
N ASP B 159 19.96 -16.79 -14.73
CA ASP B 159 20.68 -15.69 -14.11
C ASP B 159 20.59 -14.40 -14.92
N ARG B 160 19.44 -14.15 -15.57
CA ARG B 160 19.17 -12.90 -16.24
C ARG B 160 18.10 -12.14 -15.45
N VAL B 161 18.29 -10.83 -15.28
CA VAL B 161 17.28 -10.01 -14.61
C VAL B 161 16.05 -9.95 -15.52
N PRO B 162 14.85 -10.33 -15.06
CA PRO B 162 13.71 -10.30 -15.98
C PRO B 162 13.28 -8.86 -16.27
N ARG B 163 13.04 -8.58 -17.55
CA ARG B 163 12.61 -7.26 -18.02
C ARG B 163 11.24 -7.34 -18.66
N CYS B 164 10.56 -6.20 -18.66
CA CYS B 164 9.20 -6.12 -19.16
C CYS B 164 9.21 -6.18 -20.69
N PRO B 165 8.36 -7.00 -21.31
CA PRO B 165 8.32 -7.05 -22.78
C PRO B 165 7.72 -5.82 -23.41
N VAL B 166 7.05 -4.96 -22.64
CA VAL B 166 6.46 -3.74 -23.18
C VAL B 166 7.36 -2.53 -22.96
N CYS B 167 7.92 -2.34 -21.75
CA CYS B 167 8.65 -1.10 -21.49
C CYS B 167 10.12 -1.28 -21.10
N THR B 168 10.61 -2.52 -20.97
CA THR B 168 11.94 -2.96 -20.55
C THR B 168 12.22 -2.72 -19.08
N GLY B 169 11.24 -2.29 -18.29
CA GLY B 169 11.46 -2.16 -16.86
C GLY B 169 11.80 -3.49 -16.20
N VAL B 170 12.48 -3.42 -15.06
CA VAL B 170 12.72 -4.63 -14.27
C VAL B 170 11.38 -5.17 -13.78
N VAL B 171 11.16 -6.47 -13.95
CA VAL B 171 9.93 -7.12 -13.50
C VAL B 171 10.22 -7.75 -12.14
N LYS B 172 9.50 -7.32 -11.11
CA LYS B 172 9.79 -7.71 -9.75
C LYS B 172 8.70 -8.65 -9.24
N PRO B 173 9.07 -9.84 -8.78
CA PRO B 173 8.10 -10.73 -8.12
C PRO B 173 7.35 -10.01 -7.00
N ASP B 174 6.11 -10.45 -6.77
CA ASP B 174 5.24 -9.77 -5.81
C ASP B 174 5.60 -10.15 -4.38
N ILE B 175 6.88 -10.08 -4.06
CA ILE B 175 7.38 -10.17 -2.70
C ILE B 175 7.24 -8.80 -2.04
N VAL B 176 6.77 -8.76 -0.80
CA VAL B 176 6.65 -7.50 -0.06
C VAL B 176 8.03 -7.12 0.45
N PHE B 177 8.56 -5.99 -0.05
CA PHE B 177 9.81 -5.44 0.45
C PHE B 177 9.53 -4.47 1.59
N PHE B 178 10.58 -4.17 2.37
CA PHE B 178 10.46 -3.13 3.37
C PHE B 178 9.96 -1.84 2.74
N GLY B 179 9.01 -1.19 3.40
CA GLY B 179 8.42 0.03 2.87
C GLY B 179 7.27 -0.17 1.91
N GLU B 180 6.92 -1.47 1.56
CA GLU B 180 5.81 -1.75 0.65
C GLU B 180 4.56 -2.17 1.43
N PRO B 181 3.38 -1.97 0.84
CA PRO B 181 2.15 -2.42 1.48
C PRO B 181 2.04 -3.93 1.44
N LEU B 182 1.35 -4.48 2.43
CA LEU B 182 1.09 -5.90 2.40
C LEU B 182 -0.03 -6.19 1.41
N PRO B 183 -0.20 -7.45 0.99
CA PRO B 183 -1.22 -7.77 -0.02
C PRO B 183 -2.64 -7.53 0.47
N GLN B 184 -3.55 -7.45 -0.51
CA GLN B 184 -4.98 -7.27 -0.26
C GLN B 184 -5.50 -8.25 0.78
N ARG B 185 -5.15 -9.53 0.64
CA ARG B 185 -5.69 -10.56 1.54
C ARG B 185 -5.29 -10.33 2.99
N PHE B 186 -4.24 -9.55 3.25
CA PHE B 186 -3.88 -9.29 4.65
C PHE B 186 -5.02 -8.65 5.41
N LEU B 187 -5.94 -7.97 4.72
CA LEU B 187 -7.07 -7.31 5.37
C LEU B 187 -8.02 -8.29 6.04
N LEU B 188 -7.98 -9.57 5.66
CA LEU B 188 -8.79 -10.56 6.36
C LEU B 188 -8.51 -10.60 7.86
N HIS B 189 -7.38 -10.05 8.31
CA HIS B 189 -7.08 -10.11 9.75
C HIS B 189 -8.09 -9.34 10.58
N VAL B 190 -8.75 -8.35 9.98
CA VAL B 190 -9.75 -7.55 10.69
C VAL B 190 -10.90 -8.42 11.19
N VAL B 191 -11.24 -9.49 10.47
CA VAL B 191 -12.32 -10.35 10.96
C VAL B 191 -11.77 -11.67 11.51
N ASP B 192 -10.64 -12.15 10.96
CA ASP B 192 -10.11 -13.45 11.39
C ASP B 192 -9.71 -13.42 12.85
N PHE B 193 -9.00 -12.39 13.27
CA PHE B 193 -8.44 -12.44 14.61
C PHE B 193 -9.48 -12.24 15.71
N PRO B 194 -10.49 -11.38 15.55
CA PRO B 194 -11.58 -11.38 16.52
C PRO B 194 -12.33 -12.70 16.57
N MET B 195 -12.39 -13.42 15.44
CA MET B 195 -13.15 -14.66 15.39
C MET B 195 -12.39 -15.86 15.96
N ALA B 196 -11.07 -15.80 16.03
CA ALA B 196 -10.29 -16.93 16.53
C ALA B 196 -10.64 -17.25 17.98
N ASP B 197 -10.64 -18.54 18.33
CA ASP B 197 -10.66 -18.94 19.74
C ASP B 197 -9.36 -19.61 20.16
N LEU B 198 -8.35 -19.63 19.29
CA LEU B 198 -7.01 -20.08 19.65
C LEU B 198 -6.04 -19.47 18.66
N LEU B 199 -4.93 -18.94 19.16
CA LEU B 199 -3.86 -18.43 18.31
C LEU B 199 -2.63 -19.31 18.49
N LEU B 200 -2.09 -19.80 17.37
CA LEU B 200 -0.83 -20.53 17.36
C LEU B 200 0.21 -19.68 16.67
N ILE B 201 1.41 -19.59 17.25
CA ILE B 201 2.52 -18.83 16.67
C ILE B 201 3.72 -19.76 16.60
N LEU B 202 4.21 -20.03 15.39
CA LEU B 202 5.27 -21.00 15.19
C LEU B 202 6.45 -20.40 14.45
N GLY B 203 7.65 -20.55 15.01
CA GLY B 203 8.87 -20.26 14.28
C GLY B 203 8.99 -18.87 13.68
N THR B 204 8.76 -17.84 14.48
CA THR B 204 8.98 -16.48 14.04
C THR B 204 9.56 -15.66 15.19
N SER B 205 10.46 -14.74 14.86
CA SER B 205 10.97 -13.83 15.88
C SER B 205 10.05 -12.63 16.10
N LEU B 206 9.00 -12.47 15.29
CA LEU B 206 8.04 -11.38 15.43
C LEU B 206 8.74 -10.03 15.48
N GLU B 207 9.65 -9.81 14.52
CA GLU B 207 10.39 -8.57 14.45
C GLU B 207 9.98 -7.66 13.30
N VAL B 208 8.95 -8.03 12.53
CA VAL B 208 8.50 -7.24 11.40
C VAL B 208 7.03 -6.91 11.58
N GLU B 209 6.68 -5.63 11.42
CA GLU B 209 5.35 -5.07 11.48
C GLU B 209 4.81 -4.85 10.07
N PRO B 210 3.49 -4.85 9.89
CA PRO B 210 2.45 -5.01 10.91
C PRO B 210 2.15 -6.47 11.29
N PHE B 211 2.92 -7.42 10.74
CA PHE B 211 2.64 -8.82 11.03
C PHE B 211 2.74 -9.13 12.52
N ALA B 212 3.76 -8.59 13.19
CA ALA B 212 4.01 -8.97 14.57
C ALA B 212 2.86 -8.55 15.49
N SER B 213 2.29 -7.38 15.26
CA SER B 213 1.23 -6.89 16.13
C SER B 213 -0.07 -7.68 16.00
N LEU B 214 -0.20 -8.58 15.03
CA LEU B 214 -1.41 -9.41 14.96
C LEU B 214 -1.59 -10.24 16.23
N THR B 215 -0.50 -10.54 16.95
CA THR B 215 -0.60 -11.30 18.19
C THR B 215 -1.51 -10.63 19.20
N GLU B 216 -1.63 -9.30 19.15
CA GLU B 216 -2.42 -8.55 20.10
C GLU B 216 -3.90 -8.44 19.72
N ALA B 217 -4.27 -8.91 18.53
CA ALA B 217 -5.60 -8.69 17.98
C ALA B 217 -6.61 -9.78 18.35
N VAL B 218 -6.19 -10.87 18.98
CA VAL B 218 -7.17 -11.82 19.51
C VAL B 218 -7.72 -11.31 20.84
N ARG B 219 -8.89 -11.83 21.20
CA ARG B 219 -9.58 -11.42 22.42
C ARG B 219 -8.80 -11.86 23.66
N SER B 220 -9.10 -11.21 24.78
CA SER B 220 -8.33 -11.43 26.00
C SER B 220 -8.48 -12.86 26.52
N SER B 221 -9.60 -13.50 26.26
CA SER B 221 -9.83 -14.87 26.72
C SER B 221 -9.17 -15.93 25.85
N VAL B 222 -8.56 -15.56 24.73
CA VAL B 222 -8.09 -16.52 23.74
C VAL B 222 -6.66 -16.91 24.09
N PRO B 223 -6.37 -18.19 24.30
CA PRO B 223 -4.97 -18.60 24.54
C PRO B 223 -4.09 -18.35 23.32
N ARG B 224 -2.86 -17.97 23.59
CA ARG B 224 -1.83 -17.77 22.56
C ARG B 224 -0.72 -18.77 22.85
N LEU B 225 -0.54 -19.74 21.97
CA LEU B 225 0.45 -20.79 22.14
C LEU B 225 1.62 -20.50 21.20
N LEU B 226 2.80 -20.28 21.78
CA LEU B 226 4.01 -19.99 21.02
C LEU B 226 4.90 -21.22 21.01
N ILE B 227 5.28 -21.67 19.82
CA ILE B 227 6.22 -22.77 19.65
C ILE B 227 7.41 -22.19 18.90
N ASN B 228 8.52 -21.99 19.62
CA ASN B 228 9.61 -21.16 19.12
C ASN B 228 10.82 -21.37 20.01
N ARG B 229 12.00 -21.01 19.49
CA ARG B 229 13.21 -21.13 20.31
C ARG B 229 13.12 -20.24 21.56
N ASP B 230 12.72 -18.98 21.40
CA ASP B 230 12.65 -18.07 22.52
C ASP B 230 11.33 -17.31 22.52
N LEU B 231 11.06 -16.65 23.65
CA LEU B 231 9.89 -15.80 23.82
C LEU B 231 10.16 -14.47 23.15
N VAL B 232 9.30 -14.08 22.21
CA VAL B 232 9.59 -12.98 21.29
C VAL B 232 8.38 -12.07 21.12
N GLY B 233 8.68 -10.83 20.71
CA GLY B 233 7.68 -9.88 20.30
C GLY B 233 6.73 -9.45 21.41
N PRO B 234 5.50 -9.12 21.04
CA PRO B 234 4.50 -8.73 22.05
C PRO B 234 4.23 -9.82 23.06
N LEU B 235 4.55 -11.08 22.75
CA LEU B 235 4.39 -12.14 23.72
C LEU B 235 5.38 -11.99 24.88
N ALA B 236 6.53 -11.35 24.61
CA ALA B 236 7.50 -11.07 25.67
C ALA B 236 7.18 -9.76 26.40
N TRP B 237 6.77 -8.72 25.69
CA TRP B 237 6.58 -7.40 26.28
C TRP B 237 5.21 -7.19 26.89
N HIS B 238 4.18 -7.86 26.36
CA HIS B 238 2.81 -7.70 26.85
C HIS B 238 2.19 -9.08 27.03
N PRO B 239 2.67 -9.84 28.01
CA PRO B 239 2.14 -11.20 28.21
C PRO B 239 0.73 -11.17 28.76
N ARG B 240 -0.05 -12.19 28.39
CA ARG B 240 -1.42 -12.35 28.87
C ARG B 240 -1.55 -13.63 29.67
N SER B 241 -2.63 -13.72 30.45
CA SER B 241 -2.72 -14.78 31.47
C SER B 241 -2.84 -16.17 30.83
N ARG B 242 -3.40 -16.26 29.62
CA ARG B 242 -3.59 -17.56 28.96
C ARG B 242 -2.53 -17.83 27.89
N ASP B 243 -1.37 -17.18 28.00
CA ASP B 243 -0.27 -17.44 27.09
C ASP B 243 0.44 -18.73 27.48
N VAL B 244 0.82 -19.51 26.47
CA VAL B 244 1.58 -20.74 26.67
C VAL B 244 2.81 -20.68 25.78
N ALA B 245 3.99 -20.84 26.38
CA ALA B 245 5.25 -20.83 25.65
C ALA B 245 5.81 -22.23 25.66
N GLN B 246 6.00 -22.82 24.49
CA GLN B 246 6.64 -24.12 24.34
C GLN B 246 8.00 -23.83 23.68
N LEU B 247 8.99 -23.51 24.51
CA LEU B 247 10.26 -23.01 24.00
C LEU B 247 11.20 -24.17 23.70
N GLY B 248 11.79 -24.13 22.53
CA GLY B 248 12.70 -25.16 22.08
C GLY B 248 12.62 -25.28 20.58
N ASP B 249 13.16 -26.39 20.09
CA ASP B 249 13.07 -26.70 18.67
C ASP B 249 11.61 -26.72 18.22
N VAL B 250 11.32 -26.04 17.11
CA VAL B 250 9.94 -25.91 16.63
C VAL B 250 9.35 -27.27 16.30
N VAL B 251 10.10 -28.12 15.58
CA VAL B 251 9.54 -29.41 15.19
C VAL B 251 9.29 -30.28 16.42
N HIS B 252 10.13 -30.17 17.44
N HIS B 252 10.16 -30.19 17.43
CA HIS B 252 9.89 -30.98 18.64
CA HIS B 252 9.94 -30.92 18.67
C HIS B 252 8.67 -30.50 19.42
C HIS B 252 8.63 -30.49 19.33
N GLY B 253 8.42 -29.18 19.45
CA GLY B 253 7.20 -28.69 20.05
C GLY B 253 5.96 -29.14 19.29
N VAL B 254 6.04 -29.14 17.95
CA VAL B 254 4.93 -29.61 17.14
C VAL B 254 4.69 -31.11 17.36
N GLU B 255 5.77 -31.90 17.39
CA GLU B 255 5.62 -33.34 17.66
C GLU B 255 4.98 -33.59 19.01
N SER B 256 5.35 -32.81 20.02
CA SER B 256 4.75 -32.98 21.34
C SER B 256 3.26 -32.67 21.32
N LEU B 257 2.88 -31.58 20.67
CA LEU B 257 1.46 -31.21 20.59
C LEU B 257 0.66 -32.22 19.80
N VAL B 258 1.21 -32.67 18.66
CA VAL B 258 0.56 -33.68 17.83
C VAL B 258 0.28 -34.95 18.64
N GLU B 259 1.23 -35.37 19.47
CA GLU B 259 1.00 -36.57 20.29
C GLU B 259 -0.08 -36.31 21.35
N LEU B 260 -0.07 -35.14 21.98
CA LEU B 260 -1.11 -34.83 22.97
C LEU B 260 -2.48 -34.76 22.32
N LEU B 261 -2.56 -34.31 21.07
CA LEU B 261 -3.84 -34.25 20.38
C LEU B 261 -4.33 -35.62 19.93
N GLY B 262 -3.45 -36.62 19.90
CA GLY B 262 -3.80 -37.93 19.41
C GLY B 262 -3.62 -38.13 17.91
N TRP B 263 -2.82 -37.30 17.26
CA TRP B 263 -2.71 -37.26 15.82
C TRP B 263 -1.45 -37.90 15.25
N THR B 264 -0.61 -38.55 16.06
CA THR B 264 0.74 -38.91 15.59
C THR B 264 0.70 -39.86 14.40
N GLU B 265 -0.03 -40.97 14.51
CA GLU B 265 -0.03 -41.93 13.41
C GLU B 265 -0.65 -41.33 12.14
N GLU B 266 -1.72 -40.56 12.30
CA GLU B 266 -2.33 -39.91 11.14
C GLU B 266 -1.37 -38.93 10.49
N MET B 267 -0.65 -38.15 11.30
CA MET B 267 0.31 -37.20 10.72
C MET B 267 1.42 -37.91 9.97
N ARG B 268 1.93 -39.02 10.51
CA ARG B 268 3.01 -39.71 9.78
C ARG B 268 2.51 -40.32 8.47
N ASP B 269 1.30 -40.88 8.46
CA ASP B 269 0.74 -41.39 7.21
C ASP B 269 0.63 -40.28 6.18
N LEU B 270 0.16 -39.10 6.61
CA LEU B 270 0.00 -37.97 5.71
C LEU B 270 1.36 -37.53 5.15
N VAL B 271 2.35 -37.38 6.02
CA VAL B 271 3.67 -36.97 5.55
C VAL B 271 4.23 -37.98 4.56
N GLN B 272 4.09 -39.28 4.86
CA GLN B 272 4.58 -40.30 3.95
C GLN B 272 3.96 -40.16 2.57
N ARG B 273 2.63 -40.05 2.50
CA ARG B 273 1.99 -40.01 1.20
C ARG B 273 2.29 -38.71 0.47
N GLU B 274 2.27 -37.58 1.17
CA GLU B 274 2.51 -36.30 0.51
C GLU B 274 3.95 -36.18 0.03
N THR B 275 4.91 -36.48 0.92
CA THR B 275 6.32 -36.38 0.57
C THR B 275 6.65 -37.26 -0.63
N GLY B 276 5.93 -38.37 -0.81
CA GLY B 276 6.15 -39.23 -1.95
C GLY B 276 5.53 -38.71 -3.23
N LYS B 277 4.43 -37.98 -3.12
CA LYS B 277 3.84 -37.37 -4.32
C LYS B 277 4.72 -36.26 -4.88
N LEU B 278 5.63 -35.71 -4.09
CA LEU B 278 6.52 -34.65 -4.54
C LEU B 278 7.83 -35.25 -5.07
N ALA C 1 -7.70 -0.84 -9.23
CA ALA C 1 -6.31 -0.80 -8.80
C ALA C 1 -6.19 -0.51 -7.30
N ARG C 2 -5.20 -1.12 -6.66
CA ARG C 2 -4.90 -0.79 -5.27
C ARG C 2 -3.65 0.07 -5.14
N THR C 3 -2.88 0.23 -6.21
CA THR C 3 -1.77 1.17 -6.25
C THR C 3 -2.01 2.16 -7.38
N GLN C 5 -1.91 3.82 -10.66
CA GLN C 5 -1.63 3.27 -11.98
C GLN C 5 -2.33 4.07 -13.07
N THR C 6 -1.69 4.14 -14.23
CA THR C 6 -2.36 4.73 -15.39
C THR C 6 -3.57 3.91 -15.77
N ALA C 7 -4.68 4.59 -16.04
CA ALA C 7 -5.93 3.91 -16.36
C ALA C 7 -5.87 3.32 -17.77
N ALA D 1 2.03 0.19 11.92
CA ALA D 1 2.58 0.39 10.58
C ALA D 1 1.61 -0.11 9.51
N ARG D 2 1.54 0.61 8.37
CA ARG D 2 0.77 0.16 7.24
C ARG D 2 1.63 -0.35 6.10
N THR D 3 2.95 -0.19 6.19
CA THR D 3 3.89 -0.84 5.27
C THR D 3 4.82 -1.73 6.07
N GLN D 5 7.74 -2.98 7.91
CA GLN D 5 8.76 -2.23 8.65
C GLN D 5 9.34 -3.04 9.79
N THR D 6 10.61 -2.82 10.08
CA THR D 6 11.22 -3.41 11.27
C THR D 6 10.54 -2.88 12.51
N ALA D 7 10.24 -3.78 13.44
CA ALA D 7 9.56 -3.42 14.68
C ALA D 7 10.51 -2.69 15.63
#